data_5ZAG
#
_entry.id   5ZAG
#
_cell.length_a   120.660
_cell.length_b   120.660
_cell.length_c   42.336
_cell.angle_alpha   90.00
_cell.angle_beta   90.00
_cell.angle_gamma   120.00
#
_symmetry.space_group_name_H-M   'H 3'
#
loop_
_entity.id
_entity.type
_entity.pdbx_description
1 polymer 'Urokinase-type plasminogen activator chain B'
2 non-polymer 3-azanyl-5-(azepan-1-yl)-N-carbamimidoyl-6-pyrimidin-5-yl-pyrazine-2-carboxamide
3 water water
#
_entity_poly.entity_id   1
_entity_poly.type   'polypeptide(L)'
_entity_poly.pdbx_seq_one_letter_code
;IIGGEFTTIENQPWFAAIYRRHRGGSVTYVCGGSLISPCWVISATHCFIDYPKKEDYIVYLGRSRLNSNTQGEMKFEVEN
LILHKDYSADTLAHHNDIALLKIRSKEGRCAQPSRTIQTIALPSMYNDPQFGTSCEITGFGKEQSTDYLYPEQLKMTVVK
LISHRECQQPHYYGSEVTTKMLCAADPQWKTDSCQGDSGGPLVCSLQGRMTLTGIVSWGRGCALKDKPGVYTRVSHFLPW
IRSHTKEENGLAL
;
_entity_poly.pdbx_strand_id   U
#
loop_
_chem_comp.id
_chem_comp.type
_chem_comp.name
_chem_comp.formula
94I non-polymer 3-azanyl-5-(azepan-1-yl)-N-carbamimidoyl-6-pyrimidin-5-yl-pyrazine-2-carboxamide 'C16 H21 N9 O'
#
# COMPACT_ATOMS: atom_id res chain seq x y z
N ILE A 1 -1.54 -5.45 -9.64
CA ILE A 1 -0.48 -6.48 -9.52
C ILE A 1 -0.30 -7.15 -10.89
N ILE A 2 0.91 -7.02 -11.43
CA ILE A 2 1.32 -7.67 -12.69
C ILE A 2 1.75 -9.08 -12.32
N GLY A 3 1.22 -10.09 -12.99
CA GLY A 3 1.54 -11.48 -12.65
C GLY A 3 0.97 -11.88 -11.28
N GLY A 4 1.73 -12.70 -10.55
CA GLY A 4 1.29 -13.17 -9.26
C GLY A 4 0.08 -14.05 -9.36
N GLU A 5 -0.79 -13.97 -8.37
CA GLU A 5 -1.90 -14.89 -8.25
C GLU A 5 -3.09 -14.20 -7.62
N PHE A 6 -4.29 -14.68 -7.95
CA PHE A 6 -5.45 -14.23 -7.23
C PHE A 6 -5.42 -14.76 -5.80
N THR A 7 -6.05 -14.00 -4.92
CA THR A 7 -6.11 -14.32 -3.50
C THR A 7 -7.44 -13.83 -2.95
N THR A 8 -7.64 -13.99 -1.64
CA THR A 8 -8.82 -13.47 -0.96
C THR A 8 -8.33 -12.78 0.29
N ILE A 9 -9.20 -12.02 0.93
CA ILE A 9 -8.79 -11.19 2.09
C ILE A 9 -8.25 -12.02 3.28
N GLU A 10 -8.71 -13.25 3.45
CA GLU A 10 -8.16 -14.12 4.52
C GLU A 10 -6.65 -14.25 4.49
N ASN A 11 -6.04 -14.16 3.31
CA ASN A 11 -4.60 -14.25 3.17
C ASN A 11 -3.83 -12.96 3.46
N GLN A 12 -4.52 -11.83 3.48
CA GLN A 12 -3.89 -10.53 3.74
C GLN A 12 -4.94 -9.69 4.48
N PRO A 13 -5.36 -10.16 5.68
CA PRO A 13 -6.54 -9.60 6.40
C PRO A 13 -6.41 -8.17 6.95
N TRP A 14 -5.21 -7.62 6.89
CA TRP A 14 -4.91 -6.21 7.16
C TRP A 14 -5.11 -5.30 5.93
N PHE A 15 -5.35 -5.87 4.75
CA PHE A 15 -5.53 -5.07 3.55
C PHE A 15 -6.80 -4.22 3.60
N ALA A 16 -6.64 -2.93 3.33
CA ALA A 16 -7.73 -1.96 3.32
C ALA A 16 -7.96 -1.47 1.91
N ALA A 17 -9.22 -1.43 1.50
CA ALA A 17 -9.61 -0.95 0.18
C ALA A 17 -10.23 0.45 0.35
N ILE A 18 -9.61 1.44 -0.30
CA ILE A 18 -9.99 2.84 -0.11
C ILE A 18 -10.64 3.39 -1.39
N TYR A 19 -11.83 3.95 -1.25
CA TYR A 19 -12.65 4.47 -2.35
C TYR A 19 -12.97 5.95 -2.11
N ARG A 20 -13.39 6.65 -3.16
CA ARG A 20 -13.80 8.05 -3.08
C ARG A 20 -15.19 8.26 -3.65
N ARG A 21 -16.04 8.98 -2.93
CA ARG A 21 -17.34 9.46 -3.41
C ARG A 21 -17.18 10.55 -4.43
N HIS A 22 -18.17 10.71 -5.27
CA HIS A 22 -18.22 11.83 -6.18
C HIS A 22 -19.49 12.65 -5.81
N ARG A 23 -19.54 13.93 -6.14
CA ARG A 23 -19.35 14.50 -7.44
C ARG A 23 -20.46 13.94 -8.34
N GLY A 24 -21.64 13.81 -7.76
CA GLY A 24 -22.72 13.04 -8.35
C GLY A 24 -23.04 11.69 -7.70
N GLY A 25 -22.18 11.22 -6.82
CA GLY A 25 -22.45 10.00 -6.09
C GLY A 25 -21.91 8.67 -6.58
N SER A 26 -21.23 8.66 -7.71
CA SER A 26 -20.53 7.45 -8.11
C SER A 26 -19.40 7.24 -7.10
N VAL A 27 -19.04 6.00 -6.83
CA VAL A 27 -17.92 5.66 -5.97
C VAL A 27 -16.88 4.84 -6.71
N THR A 28 -15.62 5.27 -6.67
CA THR A 28 -14.53 4.67 -7.46
C THR A 28 -13.36 4.31 -6.55
N TYR A 29 -12.59 3.30 -6.95
CA TYR A 29 -11.45 2.87 -6.16
C TYR A 29 -10.31 3.88 -6.26
N VAL A 30 -9.61 4.09 -5.14
CA VAL A 30 -8.50 5.03 -5.06
C VAL A 30 -7.20 4.25 -4.92
N CYS A 31 -7.06 3.55 -3.79
CA CYS A 31 -5.76 2.99 -3.38
C CYS A 31 -5.96 1.93 -2.30
N GLY A 32 -4.90 1.15 -2.07
CA GLY A 32 -4.82 0.24 -0.94
C GLY A 32 -4.35 0.94 0.33
N GLY A 33 -4.48 0.23 1.44
CA GLY A 33 -3.92 0.62 2.74
C GLY A 33 -3.70 -0.61 3.61
N SER A 34 -3.18 -0.42 4.82
CA SER A 34 -2.98 -1.52 5.77
C SER A 34 -3.50 -1.11 7.14
N LEU A 35 -4.22 -2.01 7.79
CA LEU A 35 -4.70 -1.78 9.15
C LEU A 35 -3.57 -2.05 10.15
N ILE A 36 -3.16 -1.00 10.85
CA ILE A 36 -2.10 -1.10 11.86
C ILE A 36 -2.60 -1.08 13.31
N SER A 37 -3.84 -0.64 13.52
CA SER A 37 -4.53 -0.81 14.80
C SER A 37 -6.01 -0.70 14.50
N PRO A 38 -6.89 -1.01 15.48
CA PRO A 38 -8.32 -1.02 15.16
C PRO A 38 -8.86 0.25 14.48
N CYS A 39 -8.36 1.42 14.86
CA CYS A 39 -8.86 2.70 14.32
C CYS A 39 -7.97 3.35 13.25
N TRP A 40 -6.85 2.75 12.88
CA TRP A 40 -5.88 3.39 11.98
C TRP A 40 -5.46 2.54 10.79
N VAL A 41 -5.64 3.12 9.60
CA VAL A 41 -5.11 2.56 8.35
C VAL A 41 -3.97 3.43 7.83
N ILE A 42 -2.88 2.79 7.39
CA ILE A 42 -1.75 3.50 6.82
C ILE A 42 -1.71 3.30 5.30
N SER A 43 -1.40 4.36 4.57
CA SER A 43 -1.44 4.34 3.10
C SER A 43 -0.39 5.32 2.56
N ALA A 44 -0.58 5.82 1.33
CA ALA A 44 0.36 6.72 0.69
C ALA A 44 -0.29 8.09 0.48
N THR A 45 0.43 9.17 0.79
CA THR A 45 -0.10 10.53 0.62
C THR A 45 -0.53 10.82 -0.83
N HIS A 46 0.21 10.36 -1.83
CA HIS A 46 -0.11 10.72 -3.24
C HIS A 46 -1.51 10.27 -3.67
N CYS A 47 -2.08 9.28 -2.97
CA CYS A 47 -3.43 8.83 -3.24
C CYS A 47 -4.49 9.90 -2.97
N PHE A 48 -4.24 10.78 -2.01
CA PHE A 48 -5.24 11.71 -1.49
C PHE A 48 -4.94 13.19 -1.77
N ILE A 49 -3.76 13.48 -2.29
CA ILE A 49 -3.26 14.87 -2.36
C ILE A 49 -4.14 15.76 -3.26
N ASP A 50 -4.70 15.20 -4.33
CA ASP A 50 -5.59 15.93 -5.24
C ASP A 50 -7.00 16.15 -4.69
N TYR A 51 -7.43 15.32 -3.74
CA TYR A 51 -8.74 15.48 -3.07
C TYR A 51 -8.54 15.29 -1.57
N PRO A 52 -7.94 16.29 -0.90
CA PRO A 52 -7.51 16.09 0.50
C PRO A 52 -8.62 16.20 1.56
N LYS A 53 -9.88 16.07 1.17
CA LYS A 53 -11.01 16.21 2.07
C LYS A 53 -11.48 14.81 2.54
N LYS A 54 -11.34 14.56 3.84
CA LYS A 54 -11.68 13.27 4.46
C LYS A 54 -13.11 12.76 4.22
N GLU A 55 -14.06 13.67 4.04
CA GLU A 55 -15.47 13.29 3.83
C GLU A 55 -15.72 12.62 2.49
N ASP A 56 -14.79 12.78 1.54
CA ASP A 56 -14.93 12.15 0.23
C ASP A 56 -14.63 10.65 0.23
N TYR A 57 -14.04 10.11 1.30
CA TYR A 57 -13.47 8.75 1.26
C TYR A 57 -14.23 7.71 2.08
N ILE A 58 -14.19 6.50 1.57
CA ILE A 58 -14.80 5.34 2.19
C ILE A 58 -13.70 4.27 2.29
N VAL A 59 -13.60 3.63 3.44
CA VAL A 59 -12.63 2.56 3.65
C VAL A 59 -13.36 1.27 3.96
N TYR A 60 -12.99 0.20 3.26
CA TYR A 60 -13.46 -1.14 3.58
C TYR A 60 -12.32 -2.00 4.12
N LEU A 61 -12.67 -2.81 5.12
CA LEU A 61 -11.83 -3.90 5.62
C LEU A 61 -12.57 -5.22 5.36
N GLY A 62 -11.83 -6.32 5.24
CA GLY A 62 -12.43 -7.64 4.97
C GLY A 62 -13.06 -7.76 3.59
N ARG A 63 -12.54 -7.01 2.61
CA ARG A 63 -13.09 -6.99 1.25
C ARG A 63 -12.11 -7.69 0.29
N SER A 64 -12.62 -8.69 -0.44
CA SER A 64 -11.84 -9.49 -1.39
C SER A 64 -12.09 -9.11 -2.86
N ARG A 65 -13.14 -8.32 -3.13
CA ARG A 65 -13.53 -7.95 -4.49
C ARG A 65 -13.77 -6.46 -4.63
N LEU A 66 -13.54 -5.94 -5.83
CA LEU A 66 -13.48 -4.48 -6.07
C LEU A 66 -14.86 -3.83 -5.99
N ASN A 67 -15.81 -4.36 -6.74
CA ASN A 67 -17.13 -3.74 -6.90
C ASN A 67 -18.29 -4.61 -6.42
N SER A 68 -17.99 -5.63 -5.60
CA SER A 68 -19.02 -6.43 -4.95
C SER A 68 -18.68 -6.62 -3.47
N ASN A 69 -19.72 -6.74 -2.67
CA ASN A 69 -19.57 -6.86 -1.21
C ASN A 69 -19.10 -8.25 -0.87
N THR A 70 -18.08 -8.34 -0.02
CA THR A 70 -17.59 -9.59 0.52
C THR A 70 -18.27 -9.82 1.86
N GLN A 71 -18.72 -11.05 2.07
CA GLN A 71 -19.33 -11.44 3.34
C GLN A 71 -18.35 -11.18 4.47
N GLY A 72 -18.83 -10.49 5.51
CA GLY A 72 -18.03 -10.17 6.68
C GLY A 72 -17.27 -8.84 6.61
N GLU A 73 -17.42 -8.08 5.53
CA GLU A 73 -16.68 -6.83 5.38
C GLU A 73 -17.21 -5.73 6.30
N MET A 74 -16.37 -4.75 6.61
CA MET A 74 -16.78 -3.55 7.36
C MET A 74 -16.45 -2.29 6.57
N LYS A 75 -17.36 -1.32 6.64
CA LYS A 75 -17.28 -0.07 5.89
C LYS A 75 -17.11 1.06 6.87
N PHE A 76 -16.20 1.99 6.54
CA PHE A 76 -15.88 3.11 7.42
C PHE A 76 -15.82 4.43 6.68
N GLU A 77 -16.18 5.51 7.38
CA GLU A 77 -15.84 6.86 6.97
C GLU A 77 -14.49 7.19 7.57
N VAL A 78 -13.87 8.24 7.05
CA VAL A 78 -12.56 8.71 7.50
C VAL A 78 -12.78 9.84 8.50
N GLU A 79 -12.60 9.53 9.79
CA GLU A 79 -12.65 10.52 10.86
C GLU A 79 -11.49 11.50 10.77
N ASN A 80 -10.39 11.08 10.16
CA ASN A 80 -9.14 11.83 10.21
C ASN A 80 -8.26 11.43 9.01
N LEU A 81 -7.81 12.40 8.22
CA LEU A 81 -6.91 12.15 7.09
C LEU A 81 -5.63 12.95 7.31
N ILE A 82 -4.55 12.24 7.64
CA ILE A 82 -3.26 12.84 7.96
C ILE A 82 -2.24 12.56 6.84
N LEU A 83 -1.91 13.60 6.07
CA LEU A 83 -0.90 13.51 5.01
C LEU A 83 0.42 14.00 5.55
N HIS A 84 1.53 13.51 4.98
CA HIS A 84 2.86 13.84 5.53
C HIS A 84 3.26 15.23 5.09
N LYS A 85 3.58 16.09 6.07
CA LYS A 85 3.89 17.52 5.85
C LYS A 85 5.04 17.79 4.86
N ASP A 86 6.05 16.92 4.87
CA ASP A 86 7.18 16.97 3.92
C ASP A 86 7.00 16.21 2.61
N TYR A 87 5.77 15.86 2.25
CA TYR A 87 5.53 15.23 0.96
C TYR A 87 6.02 16.12 -0.18
N SER A 88 6.55 15.49 -1.22
CA SER A 88 6.85 16.20 -2.46
C SER A 88 6.78 15.27 -3.66
N ALA A 89 6.32 15.81 -4.78
CA ALA A 89 6.24 15.08 -6.04
C ALA A 89 7.37 15.48 -6.99
N ASP A 90 8.26 14.53 -7.28
CA ASP A 90 9.19 14.60 -8.43
C ASP A 90 8.38 14.20 -9.67
N THR A 91 9.03 14.03 -10.83
CA THR A 91 8.34 13.55 -12.03
C THR A 91 7.76 12.13 -11.84
N LEU A 92 8.60 11.23 -11.31
CA LEU A 92 8.18 9.90 -10.85
C LEU A 92 8.14 9.84 -9.33
N ALA A 93 9.27 10.16 -8.71
CA ALA A 93 9.55 9.82 -7.33
C ALA A 93 8.89 10.69 -6.28
N HIS A 94 7.97 10.12 -5.52
CA HIS A 94 7.32 10.83 -4.42
C HIS A 94 8.16 10.69 -3.16
N HIS A 95 8.38 11.78 -2.43
CA HIS A 95 9.11 11.75 -1.16
C HIS A 95 8.11 11.80 -0.02
N ASN A 96 8.42 11.08 1.06
CA ASN A 96 7.55 10.99 2.24
C ASN A 96 6.13 10.59 1.90
N ASP A 97 6.02 9.55 1.08
CA ASP A 97 4.75 9.15 0.51
C ASP A 97 4.04 8.25 1.51
N ILE A 98 3.47 8.88 2.54
CA ILE A 98 2.89 8.15 3.66
C ILE A 98 1.73 8.93 4.25
N ALA A 99 0.67 8.23 4.62
CA ALA A 99 -0.53 8.85 5.13
C ALA A 99 -1.21 7.95 6.14
N LEU A 100 -1.94 8.57 7.06
CA LEU A 100 -2.75 7.87 8.06
C LEU A 100 -4.20 8.24 7.92
N LEU A 101 -5.06 7.24 7.97
CA LEU A 101 -6.50 7.41 7.98
C LEU A 101 -7.08 6.84 9.27
N LYS A 102 -7.70 7.70 10.09
CA LYS A 102 -8.44 7.23 11.25
C LYS A 102 -9.84 6.87 10.79
N ILE A 103 -10.21 5.62 11.01
CA ILE A 103 -11.45 5.08 10.45
C ILE A 103 -12.54 5.02 11.52
N ARG A 104 -13.78 5.24 11.12
CA ARG A 104 -14.91 5.20 12.03
C ARG A 104 -16.21 4.96 11.27
N SER A 105 -17.03 4.01 11.74
CA SER A 105 -18.27 3.64 11.04
C SER A 105 -19.39 4.66 11.33
N LYS A 106 -20.54 4.47 10.66
CA LYS A 106 -21.76 5.26 10.95
C LYS A 106 -22.10 5.19 12.44
N GLU A 107 -21.83 4.03 13.04
CA GLU A 107 -22.15 3.72 14.43
C GLU A 107 -21.08 4.22 15.41
N GLY A 108 -20.05 4.91 14.92
CA GLY A 108 -18.98 5.44 15.76
C GLY A 108 -17.97 4.43 16.23
N ARG A 109 -17.82 3.32 15.50
CA ARG A 109 -16.93 2.23 15.93
C ARG A 109 -15.75 1.99 14.97
N CYS A 110 -14.69 1.42 15.53
CA CYS A 110 -13.48 1.06 14.78
C CYS A 110 -13.57 -0.39 14.28
N ALA A 111 -12.47 -0.93 13.75
CA ALA A 111 -12.44 -2.32 13.28
C ALA A 111 -12.53 -3.34 14.43
N GLN A 112 -13.47 -4.26 14.31
CA GLN A 112 -13.51 -5.50 15.08
C GLN A 112 -12.75 -6.63 14.35
N PRO A 113 -11.64 -7.11 14.94
CA PRO A 113 -10.91 -8.19 14.29
C PRO A 113 -11.72 -9.49 14.09
N SER A 114 -11.42 -10.21 13.02
CA SER A 114 -12.14 -11.42 12.64
C SER A 114 -11.21 -12.27 11.78
N ARG A 115 -11.75 -13.32 11.16
CA ARG A 115 -10.96 -14.13 10.24
C ARG A 115 -10.52 -13.32 8.99
N THR A 116 -11.33 -12.35 8.59
CA THR A 116 -11.06 -11.54 7.40
C THR A 116 -10.47 -10.16 7.68
N ILE A 117 -10.34 -9.80 8.97
CA ILE A 117 -9.90 -8.46 9.38
C ILE A 117 -8.95 -8.57 10.57
N GLN A 118 -7.66 -8.29 10.34
CA GLN A 118 -6.60 -8.36 11.36
C GLN A 118 -5.62 -7.21 11.18
N THR A 119 -4.90 -6.83 12.23
CA THR A 119 -3.86 -5.80 12.11
C THR A 119 -2.55 -6.43 11.66
N ILE A 120 -1.65 -5.60 11.12
CA ILE A 120 -0.30 -6.02 10.73
C ILE A 120 0.69 -5.29 11.61
N ALA A 121 1.75 -5.98 12.04
CA ALA A 121 2.78 -5.38 12.88
C ALA A 121 3.67 -4.43 12.08
N LEU A 122 4.04 -3.32 12.71
CA LEU A 122 5.05 -2.42 12.18
C LEU A 122 6.41 -3.02 12.53
N PRO A 123 7.44 -2.69 11.74
CA PRO A 123 8.78 -3.16 12.07
C PRO A 123 9.37 -2.41 13.25
N SER A 124 10.37 -3.00 13.90
CA SER A 124 11.16 -2.28 14.90
C SER A 124 12.06 -1.32 14.13
N MET A 125 12.37 -0.19 14.75
CA MET A 125 13.02 0.93 14.08
C MET A 125 14.29 0.57 13.31
N TYR A 126 14.39 1.12 12.09
CA TYR A 126 15.56 0.95 11.22
C TYR A 126 15.96 -0.53 10.95
N ASN A 127 15.01 -1.45 11.12
CA ASN A 127 15.26 -2.88 11.04
C ASN A 127 14.47 -3.46 9.88
N ASP A 128 15.17 -3.70 8.77
CA ASP A 128 14.59 -4.28 7.56
C ASP A 128 15.28 -5.59 7.23
N PRO A 129 14.62 -6.46 6.43
CA PRO A 129 15.31 -7.68 5.99
C PRO A 129 16.46 -7.37 5.04
N GLN A 130 17.34 -8.33 4.89
CA GLN A 130 18.46 -8.21 3.99
C GLN A 130 17.97 -8.28 2.57
N PHE A 131 18.76 -7.75 1.66
CA PHE A 131 18.36 -7.76 0.29
C PHE A 131 18.24 -9.21 -0.16
N GLY A 132 17.40 -9.44 -1.14
CA GLY A 132 17.14 -10.75 -1.65
C GLY A 132 16.08 -11.47 -0.88
N THR A 133 15.63 -10.88 0.18
CA THR A 133 14.53 -11.44 0.96
C THR A 133 13.25 -11.31 0.13
N SER A 134 12.43 -12.37 0.16
CA SER A 134 11.17 -12.42 -0.55
C SER A 134 10.09 -11.82 0.32
N CYS A 135 9.36 -10.84 -0.20
CA CYS A 135 8.24 -10.21 0.49
C CYS A 135 7.04 -10.22 -0.43
N GLU A 136 5.86 -10.01 0.14
CA GLU A 136 4.63 -10.11 -0.63
C GLU A 136 3.88 -8.77 -0.70
N ILE A 137 3.29 -8.53 -1.87
CA ILE A 137 2.53 -7.31 -2.14
C ILE A 137 1.12 -7.69 -2.57
N THR A 138 0.15 -6.88 -2.18
CA THR A 138 -1.25 -7.17 -2.37
C THR A 138 -1.97 -5.91 -2.88
N GLY A 139 -2.93 -6.10 -3.78
CA GLY A 139 -3.71 -4.99 -4.28
C GLY A 139 -4.71 -5.31 -5.37
N PHE A 140 -5.53 -4.32 -5.66
CA PHE A 140 -6.51 -4.35 -6.74
C PHE A 140 -6.01 -3.59 -7.98
N GLY A 141 -4.70 -3.32 -8.07
CA GLY A 141 -4.16 -2.56 -9.19
C GLY A 141 -4.14 -3.30 -10.51
N LYS A 142 -3.76 -2.59 -11.56
CA LYS A 142 -3.78 -3.12 -12.93
C LYS A 142 -3.02 -4.43 -13.04
N GLU A 143 -3.55 -5.36 -13.84
CA GLU A 143 -2.88 -6.62 -14.17
C GLU A 143 -1.90 -6.48 -15.31
N GLN A 144 -2.05 -5.42 -16.11
CA GLN A 144 -1.12 -5.07 -17.16
C GLN A 144 -1.09 -3.55 -17.27
N SER A 145 0.09 -2.99 -17.50
CA SER A 145 0.27 -1.54 -17.69
C SER A 145 -0.72 -0.92 -18.68
N THR A 146 -1.00 -1.63 -19.77
CA THR A 146 -1.93 -1.14 -20.80
C THR A 146 -3.42 -1.27 -20.42
N ASP A 147 -3.75 -2.04 -19.37
CA ASP A 147 -5.14 -2.23 -18.99
C ASP A 147 -5.81 -0.93 -18.63
N TYR A 148 -7.10 -0.86 -18.99
CA TYR A 148 -7.98 0.22 -18.58
C TYR A 148 -8.68 -0.16 -17.27
N LEU A 149 -9.11 -1.41 -17.17
CA LEU A 149 -9.78 -1.91 -15.98
C LEU A 149 -8.81 -2.34 -14.88
N TYR A 150 -9.30 -2.28 -13.65
CA TYR A 150 -8.67 -2.99 -12.53
C TYR A 150 -9.32 -4.36 -12.38
N PRO A 151 -8.57 -5.35 -11.87
CA PRO A 151 -9.19 -6.64 -11.59
C PRO A 151 -10.25 -6.54 -10.54
N GLU A 152 -11.24 -7.41 -10.67
CA GLU A 152 -12.36 -7.45 -9.77
C GLU A 152 -11.97 -8.25 -8.51
N GLN A 153 -11.07 -9.23 -8.64
CA GLN A 153 -10.58 -10.05 -7.53
C GLN A 153 -9.21 -9.57 -7.03
N LEU A 154 -9.03 -9.52 -5.72
CA LEU A 154 -7.76 -9.15 -5.10
C LEU A 154 -6.63 -10.04 -5.58
N LYS A 155 -5.44 -9.46 -5.76
CA LYS A 155 -4.24 -10.23 -6.13
C LYS A 155 -3.07 -10.05 -5.15
N MET A 156 -2.14 -10.99 -5.20
CA MET A 156 -0.88 -10.86 -4.49
C MET A 156 0.26 -11.50 -5.28
N THR A 157 1.46 -11.02 -5.03
CA THR A 157 2.65 -11.60 -5.63
C THR A 157 3.82 -11.48 -4.67
N VAL A 158 4.96 -12.01 -5.13
CA VAL A 158 6.22 -11.99 -4.38
C VAL A 158 7.23 -11.17 -5.15
N VAL A 159 7.95 -10.31 -4.45
CA VAL A 159 9.09 -9.59 -5.02
C VAL A 159 10.25 -9.67 -4.04
N LYS A 160 11.47 -9.50 -4.55
CA LYS A 160 12.68 -9.54 -3.72
C LYS A 160 13.25 -8.13 -3.47
N LEU A 161 13.64 -7.89 -2.22
CA LEU A 161 14.25 -6.62 -1.79
C LEU A 161 15.57 -6.38 -2.51
N ILE A 162 15.74 -5.16 -3.02
CA ILE A 162 16.94 -4.76 -3.72
C ILE A 162 17.66 -3.77 -2.80
N SER A 163 19.00 -3.83 -2.81
CA SER A 163 19.80 -2.93 -1.97
C SER A 163 19.69 -1.49 -2.45
N HIS A 164 19.68 -0.55 -1.49
CA HIS A 164 19.99 0.87 -1.73
C HIS A 164 21.00 1.09 -2.86
N ARG A 165 22.14 0.39 -2.78
CA ARG A 165 23.28 0.57 -3.69
C ARG A 165 22.93 0.18 -5.13
N GLU A 166 22.29 -0.98 -5.27
CA GLU A 166 21.85 -1.45 -6.59
C GLU A 166 20.75 -0.55 -7.17
N CYS A 167 19.78 -0.14 -6.35
CA CYS A 167 18.67 0.66 -6.85
C CYS A 167 19.08 2.08 -7.26
N GLN A 168 20.11 2.62 -6.62
CA GLN A 168 20.62 3.96 -6.94
C GLN A 168 21.56 4.03 -8.16
N GLN A 169 21.88 2.90 -8.80
CA GLN A 169 22.64 2.94 -10.06
C GLN A 169 21.75 3.60 -11.14
N PRO A 170 22.33 4.42 -12.04
CA PRO A 170 21.55 5.20 -13.03
C PRO A 170 20.73 4.34 -13.99
N HIS A 171 21.19 3.11 -14.19
CA HIS A 171 20.53 2.09 -15.02
C HIS A 171 19.15 1.79 -14.41
N TYR A 172 19.09 1.83 -13.08
CA TYR A 172 17.86 1.71 -12.32
C TYR A 172 17.21 3.09 -12.15
N TYR A 173 17.31 3.71 -10.97
CA TYR A 173 16.61 4.98 -10.70
C TYR A 173 17.53 6.17 -10.36
N GLY A 174 18.85 5.99 -10.39
CA GLY A 174 19.77 7.08 -10.02
C GLY A 174 19.48 7.69 -8.67
N SER A 175 19.47 9.02 -8.59
CA SER A 175 19.18 9.73 -7.34
C SER A 175 17.72 9.75 -6.93
N GLU A 176 16.81 9.41 -7.83
CA GLU A 176 15.37 9.39 -7.52
C GLU A 176 15.05 8.62 -6.24
N VAL A 177 15.80 7.55 -5.98
CA VAL A 177 15.61 6.72 -4.78
C VAL A 177 16.47 7.20 -3.59
N THR A 178 15.82 7.48 -2.47
CA THR A 178 16.48 7.89 -1.23
C THR A 178 16.54 6.72 -0.25
N THR A 179 17.18 6.95 0.90
CA THR A 179 17.26 5.96 1.96
C THR A 179 15.95 5.77 2.74
N LYS A 180 14.98 6.67 2.54
CA LYS A 180 13.63 6.49 3.07
C LYS A 180 12.69 5.72 2.09
N MET A 181 13.26 5.18 1.02
CA MET A 181 12.56 4.35 0.06
C MET A 181 13.21 2.96 0.02
N LEU A 182 12.42 1.94 -0.32
CA LEU A 182 12.91 0.58 -0.58
C LEU A 182 12.53 0.15 -1.98
N CYS A 183 13.43 -0.53 -2.67
CA CYS A 183 13.15 -1.11 -3.96
C CYS A 183 12.91 -2.60 -3.84
N ALA A 184 12.05 -3.12 -4.71
CA ALA A 184 11.79 -4.55 -4.74
C ALA A 184 11.32 -4.94 -6.13
N ALA A 185 11.74 -6.11 -6.57
CA ALA A 185 11.43 -6.57 -7.92
C ALA A 185 11.65 -8.07 -8.07
N ASP A 186 11.13 -8.59 -9.17
CA ASP A 186 11.30 -9.98 -9.53
C ASP A 186 12.62 -10.10 -10.32
N PRO A 187 13.42 -11.15 -10.06
CA PRO A 187 14.66 -11.33 -10.85
C PRO A 187 14.46 -11.38 -12.37
N GLN A 188 13.29 -11.83 -12.82
CA GLN A 188 12.92 -11.78 -14.25
C GLN A 188 12.07 -10.56 -14.66
N TRP A 189 11.80 -9.64 -13.72
CA TRP A 189 10.96 -8.45 -13.97
C TRP A 189 9.55 -8.81 -14.43
N LYS A 190 9.11 -9.99 -14.00
CA LYS A 190 7.95 -10.71 -14.52
C LYS A 190 6.67 -10.33 -13.74
N THR A 191 6.82 -9.84 -12.51
CA THR A 191 5.70 -9.58 -11.61
C THR A 191 6.04 -8.34 -10.76
N ASP A 192 5.03 -7.55 -10.42
CA ASP A 192 5.25 -6.22 -9.86
C ASP A 192 3.94 -5.59 -9.39
N SER A 193 4.07 -4.53 -8.60
CA SER A 193 2.96 -3.63 -8.35
C SER A 193 2.75 -2.68 -9.54
N CYS A 194 1.57 -2.09 -9.62
CA CYS A 194 1.23 -1.15 -10.69
C CYS A 194 0.22 -0.12 -10.19
N GLN A 195 -0.22 0.74 -11.10
CA GLN A 195 -1.31 1.70 -10.84
C GLN A 195 -2.50 1.03 -10.19
N GLY A 196 -3.00 1.66 -9.13
CA GLY A 196 -4.05 1.09 -8.30
C GLY A 196 -3.56 0.29 -7.10
N ASP A 197 -2.33 -0.20 -7.10
CA ASP A 197 -1.74 -0.86 -5.91
C ASP A 197 -1.14 0.12 -4.90
N SER A 198 -1.01 1.40 -5.27
CA SER A 198 -0.44 2.43 -4.41
C SER A 198 -1.09 2.41 -3.04
N GLY A 199 -0.29 2.67 -2.01
CA GLY A 199 -0.77 2.68 -0.64
C GLY A 199 -0.85 1.31 0.04
N GLY A 200 -0.78 0.22 -0.73
CA GLY A 200 -0.92 -1.12 -0.18
C GLY A 200 0.36 -1.67 0.43
N PRO A 201 0.27 -2.85 1.06
CA PRO A 201 1.38 -3.37 1.87
C PRO A 201 2.46 -4.13 1.10
N LEU A 202 3.71 -3.92 1.50
CA LEU A 202 4.81 -4.83 1.23
C LEU A 202 5.09 -5.49 2.57
N VAL A 203 4.83 -6.80 2.67
CA VAL A 203 4.91 -7.52 3.94
C VAL A 203 6.07 -8.51 3.88
N CYS A 204 6.93 -8.44 4.89
CA CYS A 204 8.05 -9.38 5.01
C CYS A 204 8.02 -10.05 6.37
N SER A 205 8.59 -11.25 6.41
CA SER A 205 8.74 -12.01 7.65
C SER A 205 10.00 -11.51 8.32
N LEU A 206 9.83 -10.95 9.51
CA LEU A 206 10.93 -10.43 10.29
C LEU A 206 10.91 -10.98 11.68
N GLN A 207 11.98 -11.60 12.10
CA GLN A 207 12.02 -12.20 13.44
C GLN A 207 10.79 -13.11 13.57
N GLY A 208 10.55 -13.84 12.51
CA GLY A 208 9.48 -14.81 12.49
C GLY A 208 8.14 -14.22 12.72
N ARG A 209 7.93 -13.05 12.14
CA ARG A 209 6.67 -12.32 12.26
C ARG A 209 6.37 -11.54 10.97
N MET A 210 5.13 -11.58 10.51
CA MET A 210 4.72 -10.79 9.34
C MET A 210 4.70 -9.31 9.73
N THR A 211 5.43 -8.51 8.96
CA THR A 211 5.74 -7.12 9.30
C THR A 211 5.53 -6.18 8.10
N LEU A 212 4.87 -5.03 8.33
CA LEU A 212 4.70 -4.01 7.28
C LEU A 212 6.00 -3.27 6.98
N THR A 213 6.73 -3.76 5.99
CA THR A 213 8.05 -3.25 5.67
C THR A 213 7.98 -2.05 4.71
N GLY A 214 6.97 -2.06 3.83
CA GLY A 214 6.86 -1.04 2.82
C GLY A 214 5.42 -0.73 2.44
N ILE A 215 5.25 0.43 1.81
CA ILE A 215 3.97 0.89 1.29
C ILE A 215 4.18 1.21 -0.19
N VAL A 216 3.33 0.65 -1.07
CA VAL A 216 3.53 0.80 -2.51
C VAL A 216 3.50 2.31 -2.83
N SER A 217 4.52 2.82 -3.51
CA SER A 217 4.65 4.26 -3.74
C SER A 217 4.71 4.62 -5.22
N TRP A 218 5.76 4.20 -5.90
CA TRP A 218 5.94 4.52 -7.31
C TRP A 218 6.82 3.55 -8.08
N GLY A 219 6.81 3.66 -9.40
CA GLY A 219 7.78 3.06 -10.29
C GLY A 219 7.67 3.61 -11.70
N ARG A 220 8.66 3.41 -12.54
CA ARG A 220 8.55 3.73 -13.94
C ARG A 220 8.03 2.47 -14.65
N GLY A 221 6.86 2.58 -15.25
CA GLY A 221 6.19 1.45 -15.84
C GLY A 221 5.81 0.44 -14.76
N CYS A 222 5.49 -0.76 -15.16
CA CYS A 222 5.27 -1.83 -14.25
C CYS A 222 5.91 -3.10 -14.80
N ALA A 223 6.62 -3.81 -13.97
CA ALA A 223 7.28 -5.02 -14.41
C ALA A 223 8.10 -4.73 -15.70
N LEU A 224 8.80 -3.58 -15.68
CA LEU A 224 9.76 -3.19 -16.72
C LEU A 224 11.14 -3.56 -16.23
N LYS A 225 11.96 -4.09 -17.14
CA LYS A 225 13.38 -4.40 -16.86
C LYS A 225 14.13 -3.17 -16.31
N ASP A 226 14.93 -3.39 -15.26
CA ASP A 226 15.68 -2.37 -14.53
C ASP A 226 14.88 -1.24 -13.88
N LYS A 227 13.58 -1.46 -13.66
CA LYS A 227 12.71 -0.46 -13.04
C LYS A 227 11.92 -1.16 -11.92
N PRO A 228 12.54 -1.29 -10.74
CA PRO A 228 11.81 -1.92 -9.63
C PRO A 228 10.60 -1.14 -9.12
N GLY A 229 9.80 -1.81 -8.31
CA GLY A 229 8.79 -1.11 -7.54
C GLY A 229 9.49 -0.37 -6.43
N VAL A 230 8.98 0.82 -6.10
CA VAL A 230 9.51 1.63 -5.02
C VAL A 230 8.44 1.81 -3.93
N TYR A 231 8.91 1.67 -2.69
CA TYR A 231 8.07 1.55 -1.53
C TYR A 231 8.55 2.54 -0.48
N THR A 232 7.62 3.10 0.27
CA THR A 232 7.95 3.93 1.42
C THR A 232 8.51 3.01 2.49
N ARG A 233 9.69 3.34 3.00
CA ARG A 233 10.40 2.48 3.93
C ARG A 233 9.85 2.74 5.33
N VAL A 234 8.94 1.87 5.78
CA VAL A 234 8.13 2.10 7.00
C VAL A 234 8.99 2.25 8.27
N SER A 235 10.10 1.53 8.33
CA SER A 235 10.99 1.55 9.50
C SER A 235 11.72 2.89 9.72
N HIS A 236 11.67 3.78 8.72
CA HIS A 236 12.21 5.15 8.81
C HIS A 236 11.14 6.21 9.15
N PHE A 237 9.92 5.79 9.48
CA PHE A 237 8.82 6.72 9.78
C PHE A 237 8.10 6.40 11.09
N LEU A 238 8.70 5.60 11.98
CA LEU A 238 7.99 5.17 13.20
C LEU A 238 7.65 6.32 14.16
N PRO A 239 8.55 7.31 14.32
CA PRO A 239 8.21 8.48 15.16
C PRO A 239 6.97 9.23 14.64
N TRP A 240 6.94 9.49 13.34
CA TRP A 240 5.79 10.11 12.67
C TRP A 240 4.52 9.27 12.88
N ILE A 241 4.63 7.95 12.67
CA ILE A 241 3.49 7.06 12.86
C ILE A 241 3.01 7.09 14.32
N ARG A 242 3.94 6.92 15.25
CA ARG A 242 3.61 6.96 16.69
C ARG A 242 2.99 8.29 17.11
N SER A 243 3.61 9.39 16.71
CA SER A 243 3.10 10.71 17.11
C SER A 243 1.67 10.90 16.62
N HIS A 244 1.46 10.73 15.32
CA HIS A 244 0.16 10.99 14.71
C HIS A 244 -0.93 9.95 15.01
N THR A 245 -0.57 8.83 15.61
CA THR A 245 -1.55 7.88 16.14
C THR A 245 -1.51 7.93 17.66
C5 94I B . 2.53 3.45 -11.83
C3 94I B . 1.42 3.55 -14.07
C2 94I B . 2.63 3.46 -16.06
C7 94I B . 2.49 3.03 -9.11
C14 94I B . 1.73 6.40 -12.17
C13 94I B . 0.82 7.35 -12.97
C12 94I B . -0.04 8.31 -12.15
C9 94I B . -0.42 5.53 -11.07
C10 94I B . -0.46 6.72 -10.11
C16 94I B . 5.92 -0.25 -10.26
N4 94I B . 1.75 4.02 -9.66
N6 94I B . 5.01 0.72 -10.38
N8 94I B . 6.68 -0.51 -11.31
O1 94I B . 4.09 0.77 -8.30
C15 94I B . 4.15 1.14 -9.45
N7 94I B . 6.08 -0.91 -9.13
C6 94I B . 3.27 2.25 -9.93
N3 94I B . 3.25 2.47 -11.27
N9 94I B . 2.47 2.85 -7.76
C8 94I B . 1.72 4.24 -11.01
C4 94I B . 2.60 3.50 -13.33
N2 94I B . 1.45 3.55 -15.42
N1 94I B . 3.79 3.37 -15.37
C1 94I B . 3.80 3.37 -14.02
N5 94I B . 0.97 5.35 -11.44
C11 94I B . -0.03 8.11 -10.64
#